data_8QLL
#
_entry.id   8QLL
#
_cell.length_a   133.164
_cell.length_b   133.164
_cell.length_c   88.514
_cell.angle_alpha   90.000
_cell.angle_beta   90.000
_cell.angle_gamma   90.000
#
_symmetry.space_group_name_H-M   'I 4'
#
loop_
_entity.id
_entity.type
_entity.pdbx_description
1 polymer 'Glutathione S-transferase omega-1'
2 non-polymer GLUTATHIONE
3 water water
#
_entity_poly.entity_id   1
_entity_poly.type   'polypeptide(L)'
_entity_poly.pdbx_seq_one_letter_code
;MHHHHHHSGASARSLGKGSAPPGPVPEGQIRVYSMRFCPFAQRTLMVLKAKGIRHEIININLKNKPEWFFEKNPFGLVPV
LENTQGHLITESVITCEYLDEAYPEKKLFPDDPYEKACQKMTFELFSKVPSLVTSFIRAKRKEDHPGIKEELKKEFSKLE
EAMANKRTAFFGGNSLSMIDYLIWPWFQRLEALELNECIDHTPKLKLWMATMQEDPVASSHFIDAKTYRDYLSLYLQDSP
EACDYGL
;
_entity_poly.pdbx_strand_id   A,B
#
# COMPACT_ATOMS: atom_id res chain seq x y z
N SER A 11 16.67 23.25 -2.21
CA SER A 11 16.58 24.47 -1.40
C SER A 11 16.20 25.71 -2.23
N ALA A 12 15.39 25.51 -3.27
CA ALA A 12 14.90 26.59 -4.10
C ALA A 12 13.49 26.94 -3.64
N ARG A 13 13.18 28.24 -3.65
CA ARG A 13 11.88 28.70 -3.21
C ARG A 13 10.78 27.92 -3.92
N SER A 14 9.75 27.58 -3.17
CA SER A 14 8.63 26.87 -3.73
C SER A 14 7.90 27.75 -4.74
N LEU A 15 7.22 27.11 -5.67
CA LEU A 15 6.39 27.79 -6.64
C LEU A 15 4.95 27.85 -6.14
N GLY A 16 4.34 29.01 -6.29
CA GLY A 16 3.02 29.18 -5.74
C GLY A 16 2.04 29.73 -6.75
N LYS A 17 0.86 30.12 -6.27
CA LYS A 17 -0.18 30.65 -7.14
C LYS A 17 0.37 31.81 -7.94
N GLY A 18 0.09 31.81 -9.25
CA GLY A 18 0.61 32.85 -10.10
C GLY A 18 2.05 32.67 -10.54
N SER A 19 2.58 31.46 -10.49
CA SER A 19 3.94 31.21 -10.93
C SER A 19 3.92 30.66 -12.35
N ALA A 20 5.04 30.79 -13.02
CA ALA A 20 5.14 30.28 -14.38
C ALA A 20 5.33 28.77 -14.33
N PRO A 21 4.45 27.99 -14.96
CA PRO A 21 4.69 26.56 -15.05
C PRO A 21 6.07 26.30 -15.59
N PRO A 22 6.74 25.26 -15.12
CA PRO A 22 8.15 25.09 -15.45
C PRO A 22 8.35 24.78 -16.92
N GLY A 23 9.56 25.06 -17.39
CA GLY A 23 9.93 24.73 -18.73
C GLY A 23 9.88 23.23 -18.93
N PRO A 24 10.18 22.77 -20.14
CA PRO A 24 10.30 21.33 -20.35
C PRO A 24 11.42 20.78 -19.47
N VAL A 25 11.27 19.51 -19.09
CA VAL A 25 12.29 18.88 -18.25
C VAL A 25 13.62 18.91 -18.97
N PRO A 26 14.69 19.35 -18.32
CA PRO A 26 16.03 19.23 -18.92
C PRO A 26 16.34 17.81 -19.38
N GLU A 27 17.02 17.71 -20.53
CA GLU A 27 17.51 16.44 -21.05
C GLU A 27 18.45 15.78 -20.05
N GLY A 28 18.43 14.44 -20.01
CA GLY A 28 19.26 13.77 -19.04
C GLY A 28 18.85 13.97 -17.60
N GLN A 29 17.63 14.50 -17.37
CA GLN A 29 17.16 14.87 -16.03
C GLN A 29 15.71 14.43 -15.82
N ILE A 30 15.40 14.01 -14.59
CA ILE A 30 14.02 13.77 -14.20
C ILE A 30 13.63 14.84 -13.18
N ARG A 31 12.44 15.44 -13.39
CA ARG A 31 11.92 16.45 -12.48
C ARG A 31 11.12 15.81 -11.36
N VAL A 32 11.27 16.33 -10.15
CA VAL A 32 10.45 15.90 -9.03
C VAL A 32 9.81 17.12 -8.41
N TYR A 33 8.48 17.14 -8.36
CA TYR A 33 7.77 18.14 -7.59
C TYR A 33 7.81 17.71 -6.14
N SER A 34 8.27 18.60 -5.27
CA SER A 34 8.59 18.21 -3.92
C SER A 34 8.20 19.36 -2.98
N MET A 35 8.55 19.17 -1.71
CA MET A 35 8.41 20.19 -0.68
C MET A 35 9.41 19.82 0.42
N ARG A 36 10.15 20.82 0.89
CA ARG A 36 11.37 20.54 1.66
C ARG A 36 11.12 19.79 2.96
N PHE A 37 9.91 19.85 3.52
CA PHE A 37 9.64 19.20 4.79
C PHE A 37 8.83 17.92 4.65
N CYS A 38 8.41 17.61 3.44
CA CYS A 38 7.47 16.51 3.23
C CYS A 38 8.19 15.18 3.43
N PRO A 39 7.80 14.34 4.39
CA PRO A 39 8.46 13.04 4.54
C PRO A 39 8.22 12.10 3.37
N PHE A 40 7.04 12.17 2.73
CA PHE A 40 6.76 11.35 1.56
C PHE A 40 7.71 11.73 0.40
N ALA A 41 7.85 13.02 0.13
CA ALA A 41 8.74 13.44 -0.95
C ALA A 41 10.19 13.08 -0.67
N GLN A 42 10.59 13.12 0.60
CA GLN A 42 11.96 12.76 0.96
C GLN A 42 12.31 11.34 0.49
N ARG A 43 11.33 10.43 0.47
CA ARG A 43 11.56 9.09 -0.08
C ARG A 43 12.09 9.17 -1.51
N THR A 44 11.32 9.81 -2.38
CA THR A 44 11.73 9.99 -3.77
C THR A 44 13.09 10.68 -3.87
N LEU A 45 13.27 11.81 -3.17
CA LEU A 45 14.53 12.54 -3.22
C LEU A 45 15.68 11.66 -2.77
N MET A 46 15.53 10.98 -1.64
CA MET A 46 16.59 10.09 -1.18
C MET A 46 16.84 8.96 -2.18
N VAL A 47 15.78 8.48 -2.83
CA VAL A 47 15.98 7.43 -3.83
C VAL A 47 16.68 7.99 -5.06
N LEU A 48 16.23 9.16 -5.54
CA LEU A 48 16.91 9.81 -6.65
C LEU A 48 18.36 10.05 -6.31
N LYS A 49 18.63 10.55 -5.11
CA LYS A 49 20.00 10.83 -4.73
C LYS A 49 20.81 9.52 -4.64
N ALA A 50 20.34 8.57 -3.83
CA ALA A 50 21.08 7.33 -3.68
C ALA A 50 21.28 6.59 -5.00
N LYS A 51 20.54 6.95 -6.06
CA LYS A 51 20.73 6.29 -7.34
C LYS A 51 21.49 7.13 -8.35
N GLY A 52 22.08 8.25 -7.91
CA GLY A 52 22.84 9.07 -8.85
C GLY A 52 22.05 9.49 -10.05
N ILE A 53 20.74 9.60 -9.91
CA ILE A 53 19.92 10.04 -11.03
C ILE A 53 19.95 11.55 -11.07
N ARG A 54 20.14 12.11 -12.26
CA ARG A 54 20.16 13.55 -12.39
C ARG A 54 18.73 14.08 -12.34
N HIS A 55 18.51 15.08 -11.50
CA HIS A 55 17.15 15.51 -11.22
C HIS A 55 17.10 16.99 -10.88
N GLU A 56 16.06 17.68 -11.35
CA GLU A 56 15.78 19.03 -10.88
C GLU A 56 14.58 18.99 -9.95
N ILE A 57 14.71 19.64 -8.81
CA ILE A 57 13.70 19.65 -7.77
C ILE A 57 12.89 20.92 -7.96
N ILE A 58 11.58 20.79 -7.95
CA ILE A 58 10.68 21.93 -8.04
C ILE A 58 9.83 21.85 -6.80
N ASN A 59 10.13 22.67 -5.81
CA ASN A 59 9.31 22.66 -4.60
C ASN A 59 8.01 23.39 -4.85
N ILE A 60 6.95 22.89 -4.21
CA ILE A 60 5.61 23.42 -4.39
C ILE A 60 5.13 24.01 -3.07
N ASN A 61 4.49 25.17 -3.14
CA ASN A 61 3.89 25.78 -1.96
C ASN A 61 2.55 25.09 -1.73
N LEU A 62 2.53 24.13 -0.81
CA LEU A 62 1.33 23.35 -0.57
C LEU A 62 0.22 24.14 0.11
N LYS A 63 0.48 25.37 0.55
CA LYS A 63 -0.54 26.21 1.13
C LYS A 63 -0.93 27.35 0.20
N ASN A 64 -0.25 27.48 -0.94
CA ASN A 64 -0.52 28.47 -1.96
C ASN A 64 -0.20 27.80 -3.31
N LYS A 65 -0.88 26.69 -3.59
CA LYS A 65 -0.52 25.85 -4.73
C LYS A 65 -0.68 26.59 -6.05
N PRO A 66 0.30 26.54 -6.95
CA PRO A 66 0.09 27.08 -8.29
C PRO A 66 -0.93 26.22 -9.01
N GLU A 67 -1.85 26.90 -9.71
CA GLU A 67 -2.99 26.22 -10.30
C GLU A 67 -2.58 25.23 -11.38
N TRP A 68 -1.46 25.50 -12.05
CA TRP A 68 -0.97 24.57 -13.06
C TRP A 68 -0.45 23.27 -12.46
N PHE A 69 -0.22 23.24 -11.15
CA PHE A 69 0.25 22.02 -10.49
C PHE A 69 -0.82 20.94 -10.51
N PHE A 70 -2.08 21.33 -10.66
CA PHE A 70 -3.13 20.34 -10.73
C PHE A 70 -3.12 19.63 -12.07
N GLU A 71 -2.48 20.22 -13.10
CA GLU A 71 -2.16 19.48 -14.32
C GLU A 71 -1.08 18.45 -14.07
N LYS A 72 -0.16 18.74 -13.16
CA LYS A 72 0.88 17.78 -12.84
C LYS A 72 0.35 16.66 -11.95
N ASN A 73 -0.64 16.95 -11.12
CA ASN A 73 -1.23 15.95 -10.24
C ASN A 73 -2.64 16.39 -9.88
N PRO A 74 -3.67 15.66 -10.32
CA PRO A 74 -5.05 16.07 -10.00
C PRO A 74 -5.32 16.20 -8.52
N PHE A 75 -4.67 15.37 -7.71
CA PHE A 75 -4.86 15.39 -6.26
C PHE A 75 -4.07 16.50 -5.57
N GLY A 76 -3.15 17.16 -6.24
CA GLY A 76 -2.46 18.28 -5.64
C GLY A 76 -1.53 17.94 -4.50
N LEU A 77 -0.89 16.78 -4.60
CA LEU A 77 0.02 16.31 -3.54
C LEU A 77 1.41 16.03 -4.12
N VAL A 78 2.47 16.31 -3.37
CA VAL A 78 3.83 15.96 -3.77
C VAL A 78 4.17 14.69 -2.99
N PRO A 79 5.09 13.85 -3.46
CA PRO A 79 5.94 14.03 -4.65
C PRO A 79 5.26 13.65 -5.95
N VAL A 80 5.77 14.20 -7.05
CA VAL A 80 5.32 13.92 -8.39
C VAL A 80 6.53 13.89 -9.30
N LEU A 81 6.64 12.87 -10.14
CA LEU A 81 7.70 12.76 -11.13
C LEU A 81 7.23 13.29 -12.48
N GLU A 82 8.14 13.95 -13.20
CA GLU A 82 7.92 14.36 -14.58
C GLU A 82 9.22 14.04 -15.30
N ASN A 83 9.15 13.15 -16.30
CA ASN A 83 10.33 12.78 -17.05
C ASN A 83 10.42 13.59 -18.33
N THR A 84 11.55 13.45 -19.00
CA THR A 84 11.81 14.18 -20.22
C THR A 84 10.75 13.92 -21.28
N GLN A 85 10.04 12.79 -21.19
CA GLN A 85 8.98 12.37 -22.11
C GLN A 85 7.60 12.87 -21.72
N GLY A 86 7.46 13.57 -20.59
CA GLY A 86 6.18 14.07 -20.13
C GLY A 86 5.35 13.12 -19.30
N HIS A 87 5.92 12.01 -18.86
CA HIS A 87 5.20 11.07 -18.00
C HIS A 87 5.12 11.62 -16.58
N LEU A 88 3.93 11.53 -15.97
CA LEU A 88 3.67 12.06 -14.64
C LEU A 88 3.31 10.92 -13.69
N ILE A 89 4.18 10.65 -12.73
CA ILE A 89 4.01 9.57 -11.77
C ILE A 89 3.77 10.16 -10.39
N THR A 90 2.83 9.56 -9.67
CA THR A 90 2.33 10.07 -8.41
C THR A 90 2.50 8.98 -7.36
N GLU A 91 2.48 9.39 -6.08
CA GLU A 91 2.56 8.51 -4.90
C GLU A 91 4.01 8.13 -4.60
N SER A 92 4.45 8.45 -3.38
CA SER A 92 5.86 8.36 -3.04
C SER A 92 6.37 6.93 -3.20
N VAL A 93 5.62 5.94 -2.71
CA VAL A 93 6.13 4.57 -2.83
C VAL A 93 6.22 4.19 -4.31
N ILE A 94 5.24 4.64 -5.10
CA ILE A 94 5.21 4.27 -6.51
C ILE A 94 6.33 4.98 -7.27
N THR A 95 6.54 6.28 -7.00
CA THR A 95 7.63 6.98 -7.68
C THR A 95 8.97 6.31 -7.40
N CYS A 96 9.17 5.81 -6.17
CA CYS A 96 10.43 5.12 -5.88
C CYS A 96 10.53 3.81 -6.63
N GLU A 97 9.44 3.05 -6.69
CA GLU A 97 9.43 1.80 -7.43
C GLU A 97 9.64 2.04 -8.91
N TYR A 98 9.01 3.09 -9.44
CA TYR A 98 9.24 3.49 -10.82
C TYR A 98 10.71 3.83 -11.08
N LEU A 99 11.39 4.44 -10.09
CA LEU A 99 12.78 4.83 -10.27
C LEU A 99 13.72 3.63 -10.21
N ASP A 100 13.44 2.65 -9.35
CA ASP A 100 14.27 1.46 -9.27
C ASP A 100 14.08 0.53 -10.47
N GLU A 101 13.08 0.80 -11.32
CA GLU A 101 12.80 0.01 -12.51
C GLU A 101 13.11 0.73 -13.81
N ALA A 102 12.95 2.07 -13.86
CA ALA A 102 13.21 2.81 -15.07
C ALA A 102 14.65 3.28 -15.15
N TYR A 103 15.38 3.10 -14.06
CA TYR A 103 16.80 3.43 -13.95
C TYR A 103 17.41 2.24 -13.23
N PRO A 104 17.55 1.14 -13.95
CA PRO A 104 17.99 -0.11 -13.33
C PRO A 104 19.48 -0.12 -13.04
N GLU A 105 20.07 1.05 -12.81
CA GLU A 105 21.47 1.14 -12.42
C GLU A 105 21.69 0.55 -11.03
N LYS A 106 21.82 1.40 -10.01
CA LYS A 106 22.09 0.93 -8.65
C LYS A 106 20.76 0.63 -7.98
N LYS A 107 20.34 -0.63 -8.07
CA LYS A 107 19.02 -1.03 -7.59
C LYS A 107 18.92 -1.07 -6.07
N LEU A 108 17.83 -0.51 -5.55
CA LEU A 108 17.59 -0.51 -4.12
C LEU A 108 16.73 -1.68 -3.68
N PHE A 109 15.95 -2.24 -4.61
CA PHE A 109 15.28 -3.48 -4.26
C PHE A 109 16.13 -4.66 -4.64
N PRO A 110 16.08 -5.74 -3.87
CA PRO A 110 16.75 -6.97 -4.31
C PRO A 110 16.06 -7.49 -5.56
N ASP A 111 16.71 -8.45 -6.17
CA ASP A 111 16.26 -8.94 -7.47
C ASP A 111 15.53 -10.26 -7.40
N ASP A 112 15.89 -11.13 -6.48
CA ASP A 112 15.11 -12.32 -6.20
C ASP A 112 13.70 -11.93 -5.77
N PRO A 113 12.66 -12.31 -6.53
CA PRO A 113 11.29 -11.91 -6.13
C PRO A 113 10.90 -12.34 -4.72
N TYR A 114 11.36 -13.51 -4.27
CA TYR A 114 11.15 -13.90 -2.89
C TYR A 114 11.80 -12.91 -1.92
N GLU A 115 13.00 -12.42 -2.27
CA GLU A 115 13.71 -11.50 -1.38
C GLU A 115 13.11 -10.10 -1.42
N LYS A 116 12.69 -9.65 -2.61
CA LYS A 116 11.96 -8.40 -2.75
C LYS A 116 10.67 -8.42 -1.93
N ALA A 117 9.86 -9.46 -2.13
CA ALA A 117 8.62 -9.62 -1.37
C ALA A 117 8.89 -9.65 0.12
N CYS A 118 9.96 -10.32 0.53
CA CYS A 118 10.28 -10.29 1.96
C CYS A 118 10.51 -8.86 2.47
N GLN A 119 10.95 -7.94 1.60
CA GLN A 119 11.11 -6.56 2.03
C GLN A 119 9.79 -5.84 2.01
N LYS A 120 8.99 -6.06 0.97
CA LYS A 120 7.67 -5.44 0.92
C LYS A 120 6.83 -5.84 2.13
N MET A 121 7.01 -7.07 2.63
CA MET A 121 6.28 -7.51 3.80
C MET A 121 6.70 -6.72 5.03
N THR A 122 7.99 -6.46 5.15
CA THR A 122 8.48 -5.62 6.24
C THR A 122 7.92 -4.21 6.11
N PHE A 123 7.86 -3.68 4.88
CA PHE A 123 7.30 -2.36 4.71
C PHE A 123 5.84 -2.31 5.19
N GLU A 124 5.09 -3.40 5.04
CA GLU A 124 3.71 -3.39 5.51
C GLU A 124 3.61 -3.12 6.99
N LEU A 125 4.58 -3.57 7.78
CA LEU A 125 4.55 -3.28 9.22
C LEU A 125 4.53 -1.79 9.51
N PHE A 126 5.01 -0.95 8.58
CA PHE A 126 5.06 0.49 8.74
C PHE A 126 3.77 1.17 8.27
N SER A 127 2.85 0.43 7.68
CA SER A 127 1.81 1.06 6.87
C SER A 127 0.93 2.02 7.68
N LYS A 128 0.76 1.80 9.00
CA LYS A 128 -0.09 2.68 9.79
C LYS A 128 0.62 3.95 10.26
N VAL A 129 1.94 3.99 10.21
CA VAL A 129 2.71 5.01 10.94
C VAL A 129 2.47 6.42 10.40
N PRO A 130 2.46 6.67 9.09
CA PRO A 130 2.29 8.06 8.65
C PRO A 130 0.97 8.70 9.05
N SER A 131 -0.15 7.99 8.95
CA SER A 131 -1.40 8.60 9.38
C SER A 131 -1.40 8.86 10.88
N LEU A 132 -0.82 7.95 11.66
CA LEU A 132 -0.74 8.17 13.09
C LEU A 132 0.05 9.44 13.40
N VAL A 133 1.23 9.58 12.83
CA VAL A 133 2.02 10.78 13.07
C VAL A 133 1.28 12.02 12.58
N THR A 134 0.61 11.92 11.43
CA THR A 134 -0.16 13.05 10.93
C THR A 134 -1.31 13.40 11.87
N SER A 135 -2.00 12.40 12.42
CA SER A 135 -3.05 12.67 13.41
C SER A 135 -2.49 13.24 14.70
N PHE A 136 -1.27 12.87 15.07
CA PHE A 136 -0.65 13.45 16.25
C PHE A 136 -0.32 14.93 16.02
N ILE A 137 0.14 15.27 14.82
CA ILE A 137 0.50 16.66 14.53
C ILE A 137 -0.74 17.54 14.50
N ARG A 138 -1.84 16.98 14.02
CA ARG A 138 -3.10 17.69 13.81
C ARG A 138 -4.05 17.61 15.01
N ALA A 139 -3.55 17.23 16.18
CA ALA A 139 -4.37 17.20 17.39
C ALA A 139 -4.13 18.48 18.20
N LYS A 140 -5.05 18.74 19.13
CA LYS A 140 -4.91 19.91 20.01
C LYS A 140 -3.55 19.89 20.71
N ARG A 141 -2.74 20.93 20.49
CA ARG A 141 -1.37 21.00 21.02
C ARG A 141 -1.30 20.78 22.53
N LYS A 142 -1.90 21.67 23.30
CA LYS A 142 -2.05 21.49 24.75
C LYS A 142 -3.13 20.48 25.11
N GLU A 143 -2.98 19.24 24.64
CA GLU A 143 -3.95 18.19 24.93
C GLU A 143 -3.30 16.83 25.06
N ASP A 144 -1.97 16.76 24.98
CA ASP A 144 -1.11 15.56 25.07
C ASP A 144 -1.92 14.28 24.99
N HIS A 145 -2.10 13.72 23.79
CA HIS A 145 -2.97 12.56 23.64
C HIS A 145 -2.18 11.28 23.83
N PRO A 146 -2.35 10.58 24.95
CA PRO A 146 -1.76 9.24 25.06
C PRO A 146 -2.33 8.26 24.05
N GLY A 147 -3.57 8.47 23.60
CA GLY A 147 -4.18 7.53 22.68
C GLY A 147 -3.40 7.33 21.39
N ILE A 148 -3.08 8.44 20.71
CA ILE A 148 -2.24 8.36 19.51
C ILE A 148 -0.89 7.76 19.84
N LYS A 149 -0.21 8.33 20.85
CA LYS A 149 1.13 7.86 21.21
C LYS A 149 1.14 6.37 21.51
N GLU A 150 0.07 5.85 22.11
CA GLU A 150 0.02 4.43 22.40
C GLU A 150 -0.07 3.62 21.14
N GLU A 151 -0.87 4.10 20.19
CA GLU A 151 -0.99 3.41 18.91
C GLU A 151 0.34 3.37 18.17
N LEU A 152 1.14 4.42 18.27
CA LEU A 152 2.45 4.41 17.64
C LEU A 152 3.37 3.39 18.32
N LYS A 153 3.31 3.29 19.65
CA LYS A 153 4.11 2.28 20.35
C LYS A 153 3.82 0.89 19.80
N LYS A 154 2.53 0.57 19.60
CA LYS A 154 2.22 -0.75 19.05
C LYS A 154 2.81 -0.93 17.66
N GLU A 155 2.67 0.09 16.80
CA GLU A 155 3.24 -0.06 15.46
C GLU A 155 4.76 -0.16 15.53
N PHE A 156 5.39 0.64 16.40
CA PHE A 156 6.84 0.56 16.51
C PHE A 156 7.29 -0.74 17.14
N SER A 157 6.48 -1.32 18.02
CA SER A 157 6.82 -2.62 18.57
C SER A 157 6.91 -3.68 17.48
N LYS A 158 5.97 -3.64 16.52
CA LYS A 158 6.05 -4.57 15.39
C LYS A 158 7.31 -4.35 14.57
N LEU A 159 7.75 -3.11 14.46
CA LEU A 159 9.01 -2.84 13.75
C LEU A 159 10.20 -3.28 14.58
N GLU A 160 10.20 -2.96 15.87
CA GLU A 160 11.27 -3.42 16.76
C GLU A 160 11.40 -4.93 16.68
N GLU A 161 10.28 -5.64 16.94
CA GLU A 161 10.25 -7.09 16.84
C GLU A 161 10.73 -7.57 15.47
N ALA A 162 10.23 -6.96 14.40
CA ALA A 162 10.61 -7.40 13.06
C ALA A 162 12.11 -7.36 12.86
N MET A 163 12.77 -6.32 13.35
CA MET A 163 14.20 -6.20 13.09
C MET A 163 15.01 -7.16 13.94
N ALA A 164 14.60 -7.36 15.20
CA ALA A 164 15.24 -8.37 16.05
C ALA A 164 15.25 -9.73 15.36
N ASN A 165 14.17 -10.07 14.65
CA ASN A 165 14.12 -11.37 13.99
C ASN A 165 15.15 -11.46 12.87
N LYS A 166 15.33 -10.39 12.09
CA LYS A 166 16.29 -10.43 10.99
C LYS A 166 17.73 -10.30 11.47
N ARG A 167 17.93 -9.72 12.66
CA ARG A 167 19.24 -9.48 13.27
C ARG A 167 20.23 -8.91 12.26
N THR A 168 19.76 -8.04 11.37
CA THR A 168 20.63 -7.30 10.48
C THR A 168 20.65 -5.82 10.87
N ALA A 169 21.59 -5.08 10.29
CA ALA A 169 21.76 -3.67 10.64
C ALA A 169 20.62 -2.83 10.10
N PHE A 170 20.17 -3.14 8.89
CA PHE A 170 19.07 -2.46 8.23
C PHE A 170 17.82 -3.35 8.19
N PHE A 171 16.77 -2.86 7.53
CA PHE A 171 15.50 -3.57 7.51
C PHE A 171 15.47 -4.63 6.42
N GLY A 172 15.96 -4.30 5.22
CA GLY A 172 16.00 -5.19 4.10
C GLY A 172 17.20 -6.08 4.05
N GLY A 173 18.02 -6.02 5.09
CA GLY A 173 19.22 -6.82 5.17
C GLY A 173 20.41 -6.12 5.79
N ASN A 174 21.58 -6.39 5.22
CA ASN A 174 22.83 -5.96 5.82
C ASN A 174 23.32 -4.64 5.25
N SER A 175 23.03 -4.39 3.98
CA SER A 175 23.27 -3.10 3.36
C SER A 175 21.96 -2.32 3.29
N LEU A 176 22.10 -1.03 3.02
CA LEU A 176 20.94 -0.14 2.95
C LEU A 176 20.08 -0.50 1.75
N SER A 177 18.80 -0.72 2.01
CA SER A 177 17.86 -1.14 0.97
C SER A 177 16.78 -0.08 0.81
N MET A 178 15.99 -0.22 -0.25
CA MET A 178 14.83 0.65 -0.48
C MET A 178 13.97 0.82 0.79
N ILE A 179 13.67 -0.29 1.46
CA ILE A 179 12.78 -0.28 2.63
C ILE A 179 13.28 0.71 3.69
N ASP A 180 14.59 0.88 3.78
CA ASP A 180 15.14 1.80 4.78
C ASP A 180 14.83 3.25 4.44
N TYR A 181 14.98 3.65 3.17
CA TYR A 181 14.62 4.99 2.77
C TYR A 181 13.12 5.21 2.86
N LEU A 182 12.34 4.16 2.63
CA LEU A 182 10.89 4.30 2.63
C LEU A 182 10.35 4.68 4.00
N ILE A 183 10.86 4.08 5.06
CA ILE A 183 10.29 4.36 6.37
C ILE A 183 11.08 5.38 7.18
N TRP A 184 12.26 5.77 6.72
CA TRP A 184 13.15 6.63 7.51
C TRP A 184 12.58 8.00 7.84
N PRO A 185 12.05 8.79 6.90
CA PRO A 185 11.68 10.18 7.24
C PRO A 185 10.87 10.32 8.50
N TRP A 186 10.05 9.32 8.85
CA TRP A 186 9.21 9.46 10.05
C TRP A 186 10.02 9.22 11.32
N PHE A 187 10.93 8.25 11.27
CA PHE A 187 11.76 8.03 12.45
C PHE A 187 12.68 9.20 12.70
N GLN A 188 13.15 9.85 11.64
CA GLN A 188 14.02 11.02 11.79
C GLN A 188 13.30 12.19 12.46
N ARG A 189 11.99 12.32 12.27
CA ARG A 189 11.22 13.44 12.79
C ARG A 189 10.73 13.23 14.20
N LEU A 190 11.02 12.07 14.81
CA LEU A 190 10.43 11.77 16.12
C LEU A 190 10.91 12.75 17.18
N GLU A 191 12.19 13.14 17.15
CA GLU A 191 12.67 14.10 18.14
C GLU A 191 11.92 15.42 18.03
N ALA A 192 11.96 16.04 16.84
CA ALA A 192 11.28 17.30 16.63
C ALA A 192 9.81 17.21 17.04
N LEU A 193 9.16 16.08 16.75
CA LEU A 193 7.76 15.91 17.10
C LEU A 193 7.56 15.60 18.58
N GLU A 194 8.66 15.48 19.33
CA GLU A 194 8.58 15.16 20.75
C GLU A 194 7.83 13.85 20.97
N LEU A 195 8.09 12.88 20.10
CA LEU A 195 7.56 11.52 20.21
C LEU A 195 8.62 10.50 20.61
N ASN A 196 9.76 10.93 21.15
CA ASN A 196 10.83 9.99 21.48
C ASN A 196 10.45 8.96 22.53
N GLU A 197 9.26 9.08 23.15
CA GLU A 197 8.87 8.07 24.12
C GLU A 197 8.12 6.91 23.48
N CYS A 198 7.69 7.07 22.24
CA CYS A 198 7.16 5.93 21.52
C CYS A 198 8.25 4.94 21.14
N ILE A 199 9.52 5.32 21.29
CA ILE A 199 10.62 4.44 20.93
C ILE A 199 11.46 4.05 22.14
N ASP A 200 10.99 4.31 23.36
CA ASP A 200 11.78 3.96 24.53
C ASP A 200 11.95 2.45 24.65
N HIS A 201 10.88 1.70 24.41
CA HIS A 201 10.90 0.25 24.47
C HIS A 201 11.43 -0.41 23.18
N THR A 202 12.14 0.31 22.31
CA THR A 202 12.60 -0.24 21.04
C THR A 202 14.11 -0.07 20.87
N PRO A 203 14.91 -0.84 21.63
CA PRO A 203 16.37 -0.81 21.45
C PRO A 203 16.86 -0.94 20.01
N LYS A 204 16.45 -1.99 19.28
CA LYS A 204 16.96 -2.18 17.92
C LYS A 204 16.63 -0.99 17.03
N LEU A 205 15.48 -0.35 17.25
CA LEU A 205 15.06 0.78 16.43
C LEU A 205 15.94 2.00 16.67
N LYS A 206 16.19 2.37 17.93
CA LYS A 206 17.11 3.48 18.21
C LYS A 206 18.43 3.27 17.50
N LEU A 207 19.00 2.07 17.60
CA LEU A 207 20.26 1.80 16.93
C LEU A 207 20.14 2.05 15.43
N TRP A 208 19.10 1.49 14.80
CA TRP A 208 18.92 1.68 13.36
C TRP A 208 18.80 3.16 13.01
N MET A 209 18.11 3.94 13.84
CA MET A 209 17.97 5.37 13.58
C MET A 209 19.35 6.04 13.58
N ALA A 210 20.11 5.83 14.64
CA ALA A 210 21.49 6.33 14.68
C ALA A 210 22.27 5.92 13.45
N THR A 211 22.19 4.63 13.08
CA THR A 211 22.91 4.15 11.90
C THR A 211 22.50 4.91 10.66
N MET A 212 21.20 5.24 10.55
CA MET A 212 20.71 5.97 9.39
C MET A 212 21.23 7.40 9.37
N GLN A 213 21.49 7.99 10.54
CA GLN A 213 22.02 9.35 10.58
C GLN A 213 23.39 9.45 9.95
N GLU A 214 24.09 8.33 9.76
CA GLU A 214 25.42 8.36 9.18
C GLU A 214 25.44 8.17 7.68
N ASP A 215 24.38 7.62 7.10
CA ASP A 215 24.36 7.51 5.65
C ASP A 215 24.33 8.91 5.04
N PRO A 216 25.13 9.17 4.00
CA PRO A 216 25.13 10.53 3.41
C PRO A 216 23.79 10.93 2.87
N VAL A 217 23.02 9.98 2.34
CA VAL A 217 21.77 10.32 1.68
C VAL A 217 20.64 10.50 2.68
N ALA A 218 20.53 9.61 3.66
CA ALA A 218 19.42 9.72 4.61
C ALA A 218 19.49 11.00 5.43
N SER A 219 20.65 11.65 5.50
CA SER A 219 20.82 12.85 6.30
C SER A 219 21.03 14.10 5.49
N SER A 220 21.19 13.99 4.16
CA SER A 220 21.42 15.14 3.29
C SER A 220 20.55 16.32 3.64
N HIS A 221 19.26 16.08 3.80
CA HIS A 221 18.39 17.21 4.07
C HIS A 221 17.95 17.15 5.53
N PHE A 222 18.93 17.30 6.42
CA PHE A 222 18.65 17.33 7.84
C PHE A 222 18.22 18.73 8.26
N ILE A 223 17.16 18.79 9.03
CA ILE A 223 16.57 20.01 9.55
C ILE A 223 16.64 19.94 11.07
N ASP A 224 17.17 20.97 11.71
CA ASP A 224 17.23 20.94 13.16
C ASP A 224 15.82 20.91 13.73
N ALA A 225 15.67 20.27 14.90
CA ALA A 225 14.36 20.10 15.50
C ALA A 225 13.65 21.43 15.65
N LYS A 226 14.40 22.49 15.92
CA LYS A 226 13.85 23.82 16.12
C LYS A 226 13.11 24.32 14.89
N THR A 227 13.78 24.32 13.73
CA THR A 227 13.20 24.81 12.48
C THR A 227 11.96 24.02 12.11
N TYR A 228 12.00 22.70 12.29
CA TYR A 228 10.88 21.86 11.90
C TYR A 228 9.64 22.16 12.73
N ARG A 229 9.80 22.41 14.03
CA ARG A 229 8.62 22.73 14.86
C ARG A 229 7.99 24.05 14.44
N ASP A 230 8.81 25.03 14.08
CA ASP A 230 8.25 26.31 13.63
C ASP A 230 7.56 26.15 12.28
N TYR A 231 8.12 25.31 11.39
CA TYR A 231 7.46 25.01 10.12
C TYR A 231 6.08 24.40 10.37
N LEU A 232 6.01 23.43 11.27
CA LEU A 232 4.72 22.82 11.61
C LEU A 232 3.75 23.86 12.10
N SER A 233 4.21 24.74 13.00
CA SER A 233 3.38 25.83 13.51
C SER A 233 2.82 26.67 12.36
N LEU A 234 3.68 27.04 11.40
CA LEU A 234 3.18 27.79 10.26
C LEU A 234 2.26 26.95 9.38
N TYR A 235 2.60 25.68 9.17
CA TYR A 235 1.81 24.83 8.28
C TYR A 235 0.43 24.53 8.84
N LEU A 236 0.34 24.21 10.13
CA LEU A 236 -0.98 23.98 10.72
C LEU A 236 -1.87 25.22 10.63
N GLN A 237 -1.29 26.40 10.49
CA GLN A 237 -2.06 27.62 10.30
C GLN A 237 -2.24 27.99 8.83
N ASP A 238 -1.91 27.06 7.92
CA ASP A 238 -2.09 27.25 6.48
C ASP A 238 -1.32 28.49 6.01
N SER A 239 -0.16 28.70 6.61
CA SER A 239 0.66 29.84 6.26
C SER A 239 1.30 29.66 4.89
N PRO A 240 1.12 30.61 3.97
CA PRO A 240 1.85 30.56 2.70
C PRO A 240 3.36 30.58 2.84
N GLU A 241 3.89 30.76 4.04
CA GLU A 241 5.34 30.83 4.24
C GLU A 241 5.89 29.57 4.85
N ALA A 242 5.02 28.63 5.22
CA ALA A 242 5.45 27.40 5.85
C ALA A 242 6.40 26.63 4.95
N CYS A 243 6.01 26.43 3.69
CA CYS A 243 6.80 25.53 2.86
C CYS A 243 8.18 26.11 2.58
N ASP A 244 8.35 27.42 2.63
CA ASP A 244 9.65 28.00 2.39
C ASP A 244 10.39 28.43 3.64
N TYR A 245 9.81 28.19 4.84
CA TYR A 245 10.43 28.64 6.08
C TYR A 245 11.83 28.06 6.24
N GLY A 246 12.79 28.92 6.61
CA GLY A 246 14.15 28.49 6.78
C GLY A 246 15.01 28.72 5.55
N LEU A 247 14.45 29.27 4.48
CA LEU A 247 15.23 29.66 3.31
C LEU A 247 15.62 31.12 3.48
N ALA B 12 -12.48 -27.59 -0.84
CA ALA B 12 -11.98 -28.50 0.18
C ALA B 12 -12.18 -27.95 1.58
N ARG B 13 -12.54 -28.85 2.50
CA ARG B 13 -12.78 -28.51 3.89
C ARG B 13 -11.61 -27.74 4.49
N SER B 14 -11.92 -26.73 5.31
CA SER B 14 -10.86 -25.96 5.94
C SER B 14 -10.15 -26.82 6.98
N LEU B 15 -8.89 -26.49 7.24
CA LEU B 15 -8.11 -27.14 8.28
C LEU B 15 -8.19 -26.31 9.55
N GLY B 16 -8.40 -26.98 10.67
CA GLY B 16 -8.61 -26.27 11.91
C GLY B 16 -7.79 -26.78 13.08
N LYS B 17 -8.11 -26.31 14.27
CA LYS B 17 -7.39 -26.74 15.47
C LYS B 17 -7.41 -28.25 15.59
N GLY B 18 -6.23 -28.83 15.84
CA GLY B 18 -6.09 -30.27 15.92
C GLY B 18 -5.95 -30.99 14.59
N SER B 19 -5.61 -30.29 13.51
CA SER B 19 -5.42 -30.92 12.21
C SER B 19 -3.94 -31.15 11.92
N ALA B 20 -3.69 -32.03 10.96
CA ALA B 20 -2.34 -32.34 10.55
C ALA B 20 -1.78 -31.24 9.67
N PRO B 21 -0.65 -30.63 10.03
CA PRO B 21 0.00 -29.68 9.11
C PRO B 21 0.27 -30.37 7.79
N PRO B 22 0.16 -29.66 6.68
CA PRO B 22 0.24 -30.33 5.39
C PRO B 22 1.66 -30.81 5.11
N GLY B 23 1.75 -31.80 4.24
CA GLY B 23 3.05 -32.30 3.83
C GLY B 23 3.81 -31.19 3.14
N PRO B 24 5.09 -31.42 2.86
CA PRO B 24 5.86 -30.43 2.11
C PRO B 24 5.27 -30.20 0.73
N VAL B 25 5.37 -28.96 0.27
CA VAL B 25 4.76 -28.55 -1.00
C VAL B 25 5.29 -29.43 -2.14
N PRO B 26 4.40 -30.06 -2.91
CA PRO B 26 4.83 -30.77 -4.12
C PRO B 26 5.61 -29.86 -5.06
N GLU B 27 6.71 -30.38 -5.60
CA GLU B 27 7.47 -29.65 -6.62
C GLU B 27 6.62 -29.43 -7.86
N GLY B 28 6.91 -28.33 -8.58
CA GLY B 28 6.06 -27.96 -9.69
C GLY B 28 4.70 -27.46 -9.26
N GLN B 29 4.51 -27.24 -7.95
CA GLN B 29 3.29 -26.76 -7.34
C GLN B 29 3.64 -25.69 -6.32
N ILE B 30 2.83 -24.63 -6.27
CA ILE B 30 2.93 -23.65 -5.21
C ILE B 30 1.67 -23.76 -4.36
N ARG B 31 1.87 -23.79 -3.04
CA ARG B 31 0.78 -23.86 -2.08
C ARG B 31 0.27 -22.45 -1.76
N VAL B 32 -1.04 -22.33 -1.58
CA VAL B 32 -1.66 -21.10 -1.14
C VAL B 32 -2.55 -21.43 0.04
N TYR B 33 -2.27 -20.82 1.19
CA TYR B 33 -3.20 -20.90 2.30
C TYR B 33 -4.31 -19.89 2.08
N SER B 34 -5.56 -20.34 2.15
CA SER B 34 -6.65 -19.53 1.67
C SER B 34 -7.84 -19.68 2.61
N MET B 35 -8.94 -19.05 2.21
CA MET B 35 -10.23 -19.26 2.85
C MET B 35 -11.26 -18.91 1.80
N ARG B 36 -12.27 -19.78 1.64
CA ARG B 36 -13.07 -19.78 0.42
C ARG B 36 -13.81 -18.47 0.20
N PHE B 37 -14.10 -17.72 1.27
CA PHE B 37 -14.86 -16.49 1.15
C PHE B 37 -13.97 -15.24 1.19
N CYS B 38 -12.69 -15.41 1.44
CA CYS B 38 -11.80 -14.28 1.71
C CYS B 38 -11.54 -13.45 0.46
N PRO B 39 -11.91 -12.18 0.44
CA PRO B 39 -11.61 -11.38 -0.74
C PRO B 39 -10.11 -11.17 -0.96
N PHE B 40 -9.31 -11.10 0.12
CA PHE B 40 -7.87 -10.94 -0.06
C PHE B 40 -7.27 -12.17 -0.73
N ALA B 41 -7.61 -13.36 -0.23
CA ALA B 41 -7.11 -14.56 -0.86
C ALA B 41 -7.62 -14.71 -2.28
N GLN B 42 -8.83 -14.22 -2.56
CA GLN B 42 -9.38 -14.30 -3.90
C GLN B 42 -8.45 -13.65 -4.91
N ARG B 43 -7.72 -12.61 -4.51
CA ARG B 43 -6.71 -11.99 -5.37
C ARG B 43 -5.68 -12.99 -5.85
N THR B 44 -5.02 -13.65 -4.89
CA THR B 44 -4.03 -14.67 -5.19
C THR B 44 -4.61 -15.79 -6.05
N LEU B 45 -5.74 -16.34 -5.65
CA LEU B 45 -6.34 -17.47 -6.37
C LEU B 45 -6.63 -17.10 -7.81
N MET B 46 -7.23 -15.93 -8.04
CA MET B 46 -7.47 -15.52 -9.42
C MET B 46 -6.16 -15.32 -10.17
N VAL B 47 -5.13 -14.80 -9.48
CA VAL B 47 -3.85 -14.63 -10.14
C VAL B 47 -3.21 -15.99 -10.42
N LEU B 48 -3.25 -16.90 -9.45
CA LEU B 48 -2.79 -18.27 -9.71
C LEU B 48 -3.53 -18.88 -10.89
N LYS B 49 -4.85 -18.68 -10.94
CA LYS B 49 -5.64 -19.23 -12.05
C LYS B 49 -5.26 -18.57 -13.38
N ALA B 50 -5.44 -17.26 -13.49
CA ALA B 50 -5.27 -16.60 -14.79
C ALA B 50 -3.88 -16.76 -15.38
N LYS B 51 -2.90 -17.22 -14.60
CA LYS B 51 -1.55 -17.45 -15.09
C LYS B 51 -1.23 -18.93 -15.24
N GLY B 52 -2.24 -19.78 -15.15
CA GLY B 52 -2.01 -21.21 -15.32
C GLY B 52 -0.96 -21.77 -14.40
N ILE B 53 -0.82 -21.22 -13.21
CA ILE B 53 0.18 -21.73 -12.28
C ILE B 53 -0.43 -22.91 -11.55
N ARG B 54 0.31 -24.01 -11.49
CA ARG B 54 -0.22 -25.17 -10.80
C ARG B 54 -0.08 -25.00 -9.31
N HIS B 55 -1.19 -25.16 -8.58
CA HIS B 55 -1.27 -24.77 -7.18
C HIS B 55 -2.23 -25.66 -6.41
N GLU B 56 -1.84 -26.00 -5.19
CA GLU B 56 -2.72 -26.67 -4.25
C GLU B 56 -3.21 -25.66 -3.21
N ILE B 57 -4.52 -25.66 -2.97
CA ILE B 57 -5.20 -24.72 -2.09
C ILE B 57 -5.42 -25.39 -0.75
N ILE B 58 -5.08 -24.69 0.33
CA ILE B 58 -5.33 -25.22 1.69
C ILE B 58 -6.12 -24.17 2.44
N ASN B 59 -7.41 -24.43 2.62
CA ASN B 59 -8.28 -23.47 3.29
C ASN B 59 -8.05 -23.58 4.79
N ILE B 60 -8.11 -22.43 5.46
CA ILE B 60 -7.86 -22.34 6.89
C ILE B 60 -9.15 -21.92 7.58
N ASN B 61 -9.44 -22.55 8.71
CA ASN B 61 -10.61 -22.18 9.51
C ASN B 61 -10.21 -20.98 10.37
N LEU B 62 -10.56 -19.78 9.90
CA LEU B 62 -10.14 -18.56 10.57
C LEU B 62 -10.83 -18.33 11.92
N LYS B 63 -11.80 -19.18 12.28
CA LYS B 63 -12.44 -19.09 13.58
C LYS B 63 -12.05 -20.24 14.49
N ASN B 64 -11.25 -21.19 13.99
CA ASN B 64 -10.70 -22.30 14.76
C ASN B 64 -9.32 -22.60 14.18
N LYS B 65 -8.45 -21.59 14.17
CA LYS B 65 -7.17 -21.67 13.46
C LYS B 65 -6.31 -22.79 14.01
N PRO B 66 -5.72 -23.63 13.16
CA PRO B 66 -4.76 -24.62 13.64
C PRO B 66 -3.51 -23.92 14.13
N GLU B 67 -2.94 -24.44 15.23
CA GLU B 67 -1.83 -23.74 15.84
C GLU B 67 -0.63 -23.69 14.91
N TRP B 68 -0.50 -24.68 14.05
CA TRP B 68 0.60 -24.73 13.11
C TRP B 68 0.47 -23.70 11.99
N PHE B 69 -0.69 -23.10 11.81
CA PHE B 69 -0.78 -22.08 10.77
C PHE B 69 0.01 -20.83 11.14
N PHE B 70 0.25 -20.60 12.42
CA PHE B 70 0.99 -19.43 12.83
C PHE B 70 2.47 -19.53 12.53
N GLU B 71 3.03 -20.74 12.37
CA GLU B 71 4.35 -20.83 11.77
C GLU B 71 4.29 -20.50 10.28
N LYS B 72 3.15 -20.74 9.65
CA LYS B 72 3.02 -20.31 8.25
C LYS B 72 2.87 -18.79 8.17
N ASN B 73 2.27 -18.19 9.18
CA ASN B 73 2.10 -16.74 9.22
C ASN B 73 1.92 -16.35 10.67
N PRO B 74 2.89 -15.66 11.26
CA PRO B 74 2.75 -15.26 12.67
C PRO B 74 1.50 -14.46 12.93
N PHE B 75 1.05 -13.69 11.94
CA PHE B 75 -0.15 -12.89 12.09
C PHE B 75 -1.44 -13.67 11.89
N GLY B 76 -1.36 -14.90 11.40
CA GLY B 76 -2.53 -15.76 11.28
C GLY B 76 -3.57 -15.31 10.28
N LEU B 77 -3.16 -14.66 9.19
CA LEU B 77 -4.07 -14.19 8.14
C LEU B 77 -3.84 -14.97 6.86
N VAL B 78 -4.88 -15.04 6.02
CA VAL B 78 -4.72 -15.60 4.68
C VAL B 78 -4.90 -14.42 3.73
N PRO B 79 -4.30 -14.43 2.53
CA PRO B 79 -3.52 -15.52 1.94
C PRO B 79 -2.07 -15.63 2.39
N VAL B 80 -1.50 -16.84 2.24
CA VAL B 80 -0.11 -17.13 2.51
C VAL B 80 0.39 -18.06 1.42
N LEU B 81 1.49 -17.72 0.77
CA LEU B 81 2.08 -18.59 -0.24
C LEU B 81 3.18 -19.44 0.37
N GLU B 82 3.29 -20.68 -0.12
CA GLU B 82 4.38 -21.57 0.23
C GLU B 82 4.79 -22.28 -1.05
N ASN B 83 6.07 -22.19 -1.40
CA ASN B 83 6.57 -22.87 -2.58
C ASN B 83 7.27 -24.16 -2.17
N THR B 84 7.63 -24.94 -3.18
CA THR B 84 8.29 -26.22 -2.95
C THR B 84 9.55 -26.06 -2.09
N GLN B 85 10.14 -24.87 -2.08
CA GLN B 85 11.36 -24.58 -1.33
C GLN B 85 11.12 -24.14 0.11
N GLY B 86 9.87 -23.94 0.53
CA GLY B 86 9.61 -23.47 1.88
C GLY B 86 9.62 -21.97 2.08
N HIS B 87 9.60 -21.20 0.99
CA HIS B 87 9.49 -19.75 1.09
C HIS B 87 8.05 -19.37 1.39
N LEU B 88 7.87 -18.44 2.34
CA LEU B 88 6.56 -18.05 2.85
C LEU B 88 6.29 -16.58 2.53
N ILE B 89 5.31 -16.31 1.66
CA ILE B 89 4.99 -14.95 1.25
C ILE B 89 3.60 -14.56 1.76
N THR B 90 3.49 -13.37 2.32
CA THR B 90 2.31 -12.89 3.02
C THR B 90 1.82 -11.61 2.36
N GLU B 91 0.55 -11.28 2.61
CA GLU B 91 -0.12 -10.06 2.14
C GLU B 91 -0.59 -10.25 0.71
N SER B 92 -1.87 -9.98 0.46
CA SER B 92 -2.49 -10.39 -0.81
C SER B 92 -1.82 -9.71 -1.99
N VAL B 93 -1.60 -8.39 -1.90
CA VAL B 93 -0.98 -7.69 -3.02
C VAL B 93 0.43 -8.19 -3.22
N ILE B 94 1.12 -8.55 -2.14
CA ILE B 94 2.51 -8.99 -2.29
C ILE B 94 2.57 -10.37 -2.96
N THR B 95 1.69 -11.31 -2.55
CA THR B 95 1.67 -12.61 -3.22
C THR B 95 1.36 -12.47 -4.69
N CYS B 96 0.48 -11.54 -5.06
CA CYS B 96 0.13 -11.37 -6.47
C CYS B 96 1.31 -10.83 -7.26
N GLU B 97 2.00 -9.83 -6.72
CA GLU B 97 3.16 -9.25 -7.38
C GLU B 97 4.28 -10.26 -7.47
N TYR B 98 4.46 -11.05 -6.41
CA TYR B 98 5.43 -12.14 -6.45
C TYR B 98 5.10 -13.14 -7.55
N LEU B 99 3.83 -13.42 -7.76
CA LEU B 99 3.47 -14.43 -8.76
C LEU B 99 3.77 -13.94 -10.17
N ASP B 100 3.52 -12.66 -10.43
CA ASP B 100 3.80 -12.13 -11.76
C ASP B 100 5.28 -11.99 -12.03
N GLU B 101 6.12 -12.12 -10.99
CA GLU B 101 7.56 -11.97 -11.09
C GLU B 101 8.29 -13.30 -11.05
N ALA B 102 7.73 -14.32 -10.44
CA ALA B 102 8.34 -15.63 -10.50
C ALA B 102 7.76 -16.48 -11.63
N TYR B 103 6.73 -15.98 -12.31
CA TYR B 103 6.05 -16.70 -13.38
C TYR B 103 5.65 -15.74 -14.48
N PRO B 104 6.57 -15.35 -15.36
CA PRO B 104 6.24 -14.34 -16.39
C PRO B 104 5.44 -14.88 -17.57
N GLU B 105 4.85 -16.08 -17.41
CA GLU B 105 3.83 -16.62 -18.31
C GLU B 105 2.48 -15.94 -18.01
N LYS B 106 2.00 -15.13 -18.95
CA LYS B 106 0.78 -14.35 -18.82
C LYS B 106 1.03 -13.20 -17.86
N LYS B 107 1.52 -12.09 -18.40
CA LYS B 107 1.91 -10.96 -17.58
C LYS B 107 0.66 -10.19 -17.18
N LEU B 108 0.50 -9.95 -15.89
CA LEU B 108 -0.67 -9.21 -15.45
C LEU B 108 -0.39 -7.73 -15.27
N PHE B 109 0.85 -7.38 -15.00
CA PHE B 109 1.28 -5.99 -15.02
C PHE B 109 1.91 -5.66 -16.37
N PRO B 110 1.75 -4.44 -16.88
CA PRO B 110 2.46 -4.06 -18.10
C PRO B 110 3.95 -3.98 -17.83
N ASP B 111 4.73 -3.89 -18.90
CA ASP B 111 6.19 -3.93 -18.77
C ASP B 111 6.84 -2.54 -18.77
N ASP B 112 6.25 -1.58 -19.47
CA ASP B 112 6.67 -0.20 -19.38
C ASP B 112 6.49 0.27 -17.94
N PRO B 113 7.55 0.66 -17.24
CA PRO B 113 7.38 1.08 -15.84
C PRO B 113 6.38 2.20 -15.65
N TYR B 114 6.34 3.16 -16.58
CA TYR B 114 5.33 4.21 -16.47
C TYR B 114 3.91 3.64 -16.49
N GLU B 115 3.67 2.64 -17.34
CA GLU B 115 2.33 2.07 -17.43
C GLU B 115 2.06 1.16 -16.24
N LYS B 116 3.08 0.44 -15.77
CA LYS B 116 2.96 -0.28 -14.51
C LYS B 116 2.61 0.68 -13.39
N ALA B 117 3.38 1.77 -13.29
CA ALA B 117 3.11 2.81 -12.30
C ALA B 117 1.72 3.38 -12.46
N CYS B 118 1.30 3.62 -13.72
CA CYS B 118 -0.04 4.16 -13.95
C CYS B 118 -1.14 3.23 -13.42
N GLN B 119 -0.88 1.92 -13.39
CA GLN B 119 -1.85 0.98 -12.82
C GLN B 119 -1.78 0.96 -11.29
N LYS B 120 -0.56 0.93 -10.74
CA LYS B 120 -0.39 1.01 -9.29
C LYS B 120 -1.00 2.29 -8.74
N MET B 121 -0.89 3.39 -9.50
CA MET B 121 -1.51 4.65 -9.08
C MET B 121 -3.02 4.52 -9.08
N THR B 122 -3.56 3.84 -10.09
CA THR B 122 -4.99 3.59 -10.12
C THR B 122 -5.39 2.72 -8.93
N PHE B 123 -4.56 1.75 -8.58
CA PHE B 123 -4.87 0.91 -7.43
C PHE B 123 -5.00 1.73 -6.16
N GLU B 124 -4.25 2.83 -6.04
CA GLU B 124 -4.29 3.61 -4.82
C GLU B 124 -5.67 4.18 -4.55
N LEU B 125 -6.45 4.48 -5.59
CA LEU B 125 -7.81 4.94 -5.36
C LEU B 125 -8.66 3.95 -4.59
N PHE B 126 -8.28 2.67 -4.60
CA PHE B 126 -9.01 1.61 -3.94
C PHE B 126 -8.59 1.38 -2.50
N SER B 127 -7.52 2.06 -2.04
CA SER B 127 -6.85 1.63 -0.81
C SER B 127 -7.77 1.73 0.40
N LYS B 128 -8.74 2.62 0.39
CA LYS B 128 -9.60 2.68 1.56
C LYS B 128 -10.72 1.67 1.51
N VAL B 129 -11.05 1.13 0.33
CA VAL B 129 -12.32 0.40 0.18
C VAL B 129 -12.37 -0.86 1.04
N PRO B 130 -11.32 -1.68 1.16
CA PRO B 130 -11.48 -2.88 1.98
C PRO B 130 -11.78 -2.61 3.45
N SER B 131 -11.12 -1.61 4.08
CA SER B 131 -11.42 -1.33 5.48
C SER B 131 -12.81 -0.75 5.66
N LEU B 132 -13.24 0.08 4.72
CA LEU B 132 -14.61 0.61 4.79
C LEU B 132 -15.61 -0.53 4.80
N VAL B 133 -15.47 -1.47 3.85
CA VAL B 133 -16.39 -2.60 3.76
C VAL B 133 -16.34 -3.43 5.02
N THR B 134 -15.15 -3.61 5.59
CA THR B 134 -15.07 -4.33 6.86
C THR B 134 -15.82 -3.58 7.96
N SER B 135 -15.68 -2.25 8.01
CA SER B 135 -16.43 -1.49 9.00
C SER B 135 -17.92 -1.58 8.77
N PHE B 136 -18.34 -1.63 7.50
CA PHE B 136 -19.76 -1.75 7.24
C PHE B 136 -20.29 -3.11 7.68
N ILE B 137 -19.51 -4.16 7.46
CA ILE B 137 -19.93 -5.51 7.80
C ILE B 137 -20.01 -5.67 9.31
N ARG B 138 -19.11 -5.04 10.06
CA ARG B 138 -19.02 -5.27 11.50
C ARG B 138 -19.80 -4.23 12.30
N ALA B 139 -20.71 -3.51 11.67
CA ALA B 139 -21.52 -2.50 12.34
C ALA B 139 -22.85 -3.09 12.77
N LYS B 140 -23.56 -2.34 13.63
CA LYS B 140 -24.86 -2.78 14.15
C LYS B 140 -25.80 -3.23 13.03
N ARG B 141 -26.21 -4.50 13.07
CA ARG B 141 -26.99 -5.12 11.99
C ARG B 141 -28.17 -4.24 11.57
N LYS B 142 -29.11 -4.00 12.48
CA LYS B 142 -30.17 -3.02 12.27
C LYS B 142 -29.60 -1.60 12.42
N GLU B 143 -29.79 -0.76 11.40
CA GLU B 143 -29.25 0.59 11.33
C GLU B 143 -27.74 0.55 11.25
N ASP B 144 -27.20 0.02 10.14
CA ASP B 144 -25.77 -0.08 9.91
C ASP B 144 -25.14 1.31 10.03
N HIS B 145 -25.17 2.10 8.95
CA HIS B 145 -24.60 3.45 8.97
C HIS B 145 -24.57 4.06 7.56
N PRO B 146 -25.41 5.06 7.29
CA PRO B 146 -25.24 5.84 6.06
C PRO B 146 -23.91 6.58 6.00
N GLY B 147 -23.30 6.87 7.16
CA GLY B 147 -22.01 7.53 7.15
C GLY B 147 -20.96 6.72 6.41
N ILE B 148 -20.89 5.42 6.71
CA ILE B 148 -20.00 4.52 5.98
C ILE B 148 -20.34 4.55 4.49
N LYS B 149 -21.62 4.35 4.16
CA LYS B 149 -22.03 4.33 2.76
C LYS B 149 -21.61 5.60 2.03
N GLU B 150 -21.61 6.76 2.70
CA GLU B 150 -21.15 7.98 2.05
C GLU B 150 -19.66 7.93 1.74
N GLU B 151 -18.87 7.40 2.67
CA GLU B 151 -17.43 7.27 2.41
C GLU B 151 -17.16 6.32 1.25
N LEU B 152 -17.97 5.26 1.12
CA LEU B 152 -17.83 4.37 -0.03
C LEU B 152 -18.23 5.08 -1.32
N LYS B 153 -19.31 5.89 -1.28
CA LYS B 153 -19.67 6.67 -2.44
C LYS B 153 -18.55 7.60 -2.87
N LYS B 154 -17.96 8.33 -1.92
CA LYS B 154 -16.85 9.22 -2.28
C LYS B 154 -15.68 8.43 -2.82
N GLU B 155 -15.36 7.32 -2.17
CA GLU B 155 -14.23 6.50 -2.62
C GLU B 155 -14.48 5.93 -4.01
N PHE B 156 -15.70 5.46 -4.28
CA PHE B 156 -16.04 4.92 -5.60
C PHE B 156 -16.08 6.00 -6.66
N SER B 157 -16.36 7.24 -6.27
CA SER B 157 -16.34 8.35 -7.22
C SER B 157 -14.96 8.50 -7.85
N LYS B 158 -13.91 8.33 -7.04
CA LYS B 158 -12.57 8.41 -7.59
C LYS B 158 -12.32 7.30 -8.61
N LEU B 159 -12.87 6.12 -8.37
CA LEU B 159 -12.69 5.03 -9.32
C LEU B 159 -13.56 5.24 -10.56
N GLU B 160 -14.79 5.69 -10.38
CA GLU B 160 -15.65 5.98 -11.52
C GLU B 160 -14.99 6.99 -12.45
N GLU B 161 -14.61 8.14 -11.90
CA GLU B 161 -13.92 9.16 -12.69
C GLU B 161 -12.65 8.63 -13.33
N ALA B 162 -11.84 7.88 -12.57
CA ALA B 162 -10.60 7.35 -13.16
C ALA B 162 -10.90 6.53 -14.40
N MET B 163 -11.96 5.71 -14.36
CA MET B 163 -12.27 4.90 -15.53
C MET B 163 -12.84 5.76 -16.64
N ALA B 164 -13.69 6.72 -16.29
CA ALA B 164 -14.14 7.72 -17.26
C ALA B 164 -12.96 8.41 -17.92
N ASN B 165 -11.91 8.73 -17.15
CA ASN B 165 -10.76 9.41 -17.75
C ASN B 165 -10.02 8.51 -18.75
N LYS B 166 -9.81 7.24 -18.40
CA LYS B 166 -9.06 6.34 -19.28
C LYS B 166 -9.89 5.85 -20.46
N ARG B 167 -11.22 5.90 -20.34
CA ARG B 167 -12.15 5.50 -21.41
C ARG B 167 -11.78 4.13 -21.99
N THR B 168 -11.31 3.23 -21.15
CA THR B 168 -11.04 1.86 -21.57
C THR B 168 -12.02 0.91 -20.90
N ALA B 169 -11.99 -0.35 -21.37
CA ALA B 169 -12.92 -1.37 -20.89
C ALA B 169 -12.55 -1.83 -19.48
N PHE B 170 -11.26 -1.93 -19.20
CA PHE B 170 -10.79 -2.28 -17.86
C PHE B 170 -10.07 -1.09 -17.25
N PHE B 171 -9.43 -1.32 -16.10
CA PHE B 171 -8.77 -0.23 -15.38
C PHE B 171 -7.37 0.05 -15.91
N GLY B 172 -6.60 -1.00 -16.22
CA GLY B 172 -5.25 -0.91 -16.73
C GLY B 172 -5.13 -0.79 -18.24
N GLY B 173 -6.26 -0.69 -18.93
CA GLY B 173 -6.28 -0.61 -20.37
C GLY B 173 -7.45 -1.40 -20.92
N ASN B 174 -7.23 -2.10 -22.03
CA ASN B 174 -8.33 -2.81 -22.69
C ASN B 174 -8.35 -4.31 -22.42
N SER B 175 -7.24 -4.92 -22.04
CA SER B 175 -7.30 -6.30 -21.57
C SER B 175 -7.30 -6.32 -20.05
N LEU B 176 -7.67 -7.47 -19.50
CA LEU B 176 -7.73 -7.63 -18.06
C LEU B 176 -6.33 -7.54 -17.49
N SER B 177 -6.13 -6.66 -16.52
CA SER B 177 -4.82 -6.42 -15.94
C SER B 177 -4.87 -6.81 -14.47
N MET B 178 -3.69 -6.90 -13.85
CA MET B 178 -3.59 -7.13 -12.41
C MET B 178 -4.55 -6.23 -11.63
N ILE B 179 -4.60 -4.95 -12.01
CA ILE B 179 -5.41 -3.96 -11.30
C ILE B 179 -6.86 -4.43 -11.23
N ASP B 180 -7.34 -5.09 -12.27
CA ASP B 180 -8.74 -5.48 -12.30
C ASP B 180 -9.02 -6.59 -11.29
N TYR B 181 -8.13 -7.58 -11.24
CA TYR B 181 -8.26 -8.65 -10.26
C TYR B 181 -8.02 -8.16 -8.84
N LEU B 182 -7.18 -7.13 -8.67
CA LEU B 182 -6.85 -6.67 -7.32
C LEU B 182 -8.06 -6.11 -6.61
N ILE B 183 -8.88 -5.34 -7.31
CA ILE B 183 -10.03 -4.65 -6.74
C ILE B 183 -11.35 -5.39 -6.97
N TRP B 184 -11.35 -6.48 -7.74
CA TRP B 184 -12.60 -7.13 -8.10
C TRP B 184 -13.35 -7.70 -6.91
N PRO B 185 -12.74 -8.49 -6.00
CA PRO B 185 -13.53 -9.17 -4.96
C PRO B 185 -14.50 -8.29 -4.19
N TRP B 186 -14.17 -7.02 -4.00
CA TRP B 186 -15.03 -6.17 -3.20
C TRP B 186 -16.25 -5.72 -3.99
N PHE B 187 -16.05 -5.40 -5.26
CA PHE B 187 -17.18 -5.03 -6.08
C PHE B 187 -18.08 -6.22 -6.32
N GLN B 188 -17.50 -7.42 -6.34
CA GLN B 188 -18.29 -8.63 -6.54
C GLN B 188 -19.26 -8.85 -5.39
N ARG B 189 -18.89 -8.42 -4.18
CA ARG B 189 -19.67 -8.64 -2.98
C ARG B 189 -20.67 -7.53 -2.71
N LEU B 190 -20.70 -6.48 -3.53
CA LEU B 190 -21.58 -5.36 -3.24
C LEU B 190 -23.03 -5.79 -3.22
N GLU B 191 -23.40 -6.73 -4.09
CA GLU B 191 -24.75 -7.28 -4.09
C GLU B 191 -25.07 -7.93 -2.76
N ALA B 192 -24.29 -8.94 -2.39
CA ALA B 192 -24.50 -9.64 -1.13
C ALA B 192 -24.51 -8.67 0.05
N LEU B 193 -23.61 -7.69 0.05
CA LEU B 193 -23.50 -6.74 1.15
C LEU B 193 -24.56 -5.64 1.10
N GLU B 194 -25.41 -5.62 0.07
CA GLU B 194 -26.47 -4.62 -0.06
C GLU B 194 -25.90 -3.19 -0.06
N LEU B 195 -24.78 -3.02 -0.75
CA LEU B 195 -24.16 -1.71 -0.95
C LEU B 195 -24.38 -1.21 -2.35
N ASN B 196 -25.36 -1.78 -3.05
CA ASN B 196 -25.56 -1.53 -4.47
C ASN B 196 -25.92 -0.09 -4.75
N GLU B 197 -26.20 0.69 -3.71
CA GLU B 197 -26.53 2.10 -3.81
C GLU B 197 -25.31 2.99 -3.68
N CYS B 198 -24.16 2.43 -3.27
CA CYS B 198 -22.91 3.16 -3.35
C CYS B 198 -22.37 3.24 -4.78
N ILE B 199 -22.94 2.49 -5.71
CA ILE B 199 -22.49 2.50 -7.09
C ILE B 199 -23.57 3.06 -8.01
N ASP B 200 -24.58 3.71 -7.46
CA ASP B 200 -25.66 4.20 -8.30
C ASP B 200 -25.16 5.26 -9.27
N HIS B 201 -24.38 6.22 -8.75
CA HIS B 201 -23.82 7.29 -9.56
C HIS B 201 -22.52 6.91 -10.24
N THR B 202 -22.25 5.62 -10.45
CA THR B 202 -21.01 5.17 -11.08
C THR B 202 -21.33 4.30 -12.30
N PRO B 203 -21.88 4.90 -13.38
CA PRO B 203 -22.17 4.14 -14.61
C PRO B 203 -21.03 3.25 -15.08
N LYS B 204 -19.85 3.83 -15.31
CA LYS B 204 -18.75 3.04 -15.85
C LYS B 204 -18.39 1.89 -14.94
N LEU B 205 -18.53 2.08 -13.63
CA LEU B 205 -18.20 1.00 -12.70
C LEU B 205 -19.14 -0.18 -12.88
N LYS B 206 -20.44 0.08 -12.93
CA LYS B 206 -21.41 -0.97 -13.17
C LYS B 206 -21.03 -1.78 -14.40
N LEU B 207 -20.70 -1.08 -15.49
CA LEU B 207 -20.30 -1.74 -16.73
C LEU B 207 -19.09 -2.65 -16.53
N TRP B 208 -18.04 -2.11 -15.90
CA TRP B 208 -16.87 -2.92 -15.63
C TRP B 208 -17.23 -4.15 -14.79
N MET B 209 -18.16 -3.97 -13.84
CA MET B 209 -18.59 -5.09 -13.00
C MET B 209 -19.25 -6.18 -13.83
N ALA B 210 -20.26 -5.82 -14.61
CA ALA B 210 -20.88 -6.77 -15.52
C ALA B 210 -19.85 -7.52 -16.34
N THR B 211 -18.90 -6.78 -16.94
CA THR B 211 -17.87 -7.43 -17.74
C THR B 211 -17.03 -8.38 -16.89
N MET B 212 -16.73 -7.99 -15.66
CA MET B 212 -15.90 -8.88 -14.85
C MET B 212 -16.64 -10.16 -14.46
N GLN B 213 -17.97 -10.11 -14.31
CA GLN B 213 -18.69 -11.35 -14.04
C GLN B 213 -18.61 -12.34 -15.18
N GLU B 214 -18.28 -11.86 -16.38
CA GLU B 214 -18.20 -12.70 -17.56
C GLU B 214 -16.79 -13.19 -17.83
N ASP B 215 -15.80 -12.60 -17.19
CA ASP B 215 -14.47 -13.17 -17.28
C ASP B 215 -14.48 -14.54 -16.60
N PRO B 216 -13.91 -15.57 -17.22
CA PRO B 216 -13.90 -16.90 -16.58
C PRO B 216 -13.18 -16.93 -15.25
N VAL B 217 -12.17 -16.08 -15.04
CA VAL B 217 -11.39 -16.21 -13.81
C VAL B 217 -12.11 -15.53 -12.65
N ALA B 218 -12.61 -14.32 -12.90
CA ALA B 218 -13.29 -13.54 -11.88
C ALA B 218 -14.56 -14.21 -11.37
N SER B 219 -15.06 -15.23 -12.07
CA SER B 219 -16.28 -15.94 -11.72
C SER B 219 -16.03 -17.35 -11.22
N SER B 220 -14.81 -17.86 -11.35
CA SER B 220 -14.45 -19.18 -10.84
C SER B 220 -14.96 -19.38 -9.41
N HIS B 221 -15.65 -20.49 -9.19
CA HIS B 221 -16.27 -20.82 -7.90
C HIS B 221 -17.11 -19.64 -7.39
N PHE B 222 -18.24 -19.47 -8.08
CA PHE B 222 -19.14 -18.36 -7.79
C PHE B 222 -19.91 -18.63 -6.52
N ILE B 223 -20.03 -17.58 -5.70
CA ILE B 223 -20.73 -17.63 -4.43
C ILE B 223 -21.93 -16.71 -4.55
N ASP B 224 -23.14 -17.27 -4.45
CA ASP B 224 -24.35 -16.47 -4.58
C ASP B 224 -24.53 -15.55 -3.36
N ALA B 225 -25.27 -14.47 -3.56
CA ALA B 225 -25.42 -13.48 -2.51
C ALA B 225 -25.96 -14.10 -1.22
N LYS B 226 -26.91 -15.03 -1.33
CA LYS B 226 -27.47 -15.66 -0.14
C LYS B 226 -26.42 -16.44 0.63
N THR B 227 -25.67 -17.29 -0.07
CA THR B 227 -24.61 -18.06 0.57
C THR B 227 -23.59 -17.14 1.23
N TYR B 228 -23.21 -16.05 0.54
CA TYR B 228 -22.24 -15.14 1.13
C TYR B 228 -22.83 -14.48 2.37
N ARG B 229 -24.11 -14.14 2.31
CA ARG B 229 -24.77 -13.52 3.45
C ARG B 229 -24.80 -14.46 4.65
N ASP B 230 -25.02 -15.75 4.41
CA ASP B 230 -25.03 -16.72 5.50
C ASP B 230 -23.65 -16.95 6.08
N TYR B 231 -22.62 -16.97 5.23
CA TYR B 231 -21.25 -17.09 5.72
C TYR B 231 -20.90 -15.94 6.66
N LEU B 232 -21.25 -14.71 6.26
CA LEU B 232 -20.98 -13.56 7.12
C LEU B 232 -21.67 -13.72 8.47
N SER B 233 -22.96 -14.07 8.45
CA SER B 233 -23.72 -14.25 9.67
C SER B 233 -23.05 -15.25 10.60
N LEU B 234 -22.56 -16.37 10.06
CA LEU B 234 -21.86 -17.31 10.91
C LEU B 234 -20.53 -16.74 11.36
N TYR B 235 -19.87 -15.98 10.48
CA TYR B 235 -18.56 -15.43 10.80
C TYR B 235 -18.67 -14.36 11.88
N LEU B 236 -19.65 -13.45 11.78
CA LEU B 236 -19.79 -12.46 12.85
C LEU B 236 -20.06 -13.09 14.19
N GLN B 237 -20.57 -14.33 14.24
CA GLN B 237 -20.76 -15.04 15.50
C GLN B 237 -19.60 -15.96 15.83
N ASP B 238 -18.47 -15.83 15.14
CA ASP B 238 -17.27 -16.62 15.42
C ASP B 238 -17.53 -18.13 15.31
N SER B 239 -18.41 -18.49 14.39
CA SER B 239 -18.77 -19.89 14.21
C SER B 239 -17.62 -20.67 13.57
N PRO B 240 -17.16 -21.75 14.17
CA PRO B 240 -16.19 -22.64 13.50
C PRO B 240 -16.70 -23.20 12.18
N GLU B 241 -17.95 -22.97 11.82
CA GLU B 241 -18.51 -23.53 10.61
C GLU B 241 -18.64 -22.52 9.49
N ALA B 242 -18.35 -21.24 9.76
CA ALA B 242 -18.45 -20.20 8.75
C ALA B 242 -17.56 -20.49 7.53
N CYS B 243 -16.32 -20.93 7.79
CA CYS B 243 -15.38 -21.07 6.68
C CYS B 243 -15.75 -22.22 5.77
N ASP B 244 -16.43 -23.24 6.28
CA ASP B 244 -16.79 -24.36 5.42
C ASP B 244 -18.25 -24.35 4.99
N TYR B 245 -19.00 -23.33 5.39
CA TYR B 245 -20.41 -23.26 5.07
C TYR B 245 -20.65 -23.34 3.56
N GLY B 246 -21.58 -24.20 3.15
CA GLY B 246 -21.90 -24.39 1.75
C GLY B 246 -21.20 -25.54 1.05
N LEU B 247 -20.33 -26.27 1.75
CA LEU B 247 -19.71 -27.45 1.15
C LEU B 247 -20.48 -28.72 1.48
#